data_1B05
#
_entry.id   1B05
#
_cell.length_a   109.550
_cell.length_b   76.120
_cell.length_c   70.500
_cell.angle_alpha   90.00
_cell.angle_beta   90.00
_cell.angle_gamma   90.00
#
_symmetry.space_group_name_H-M   'P 21 21 21'
#
loop_
_entity.id
_entity.type
_entity.pdbx_description
1 polymer 'PERIPLASMIC OLIGOPEPTIDE-BINDING PROTEIN'
2 polymer 'PEPTIDE LYS-CYS-LYS'
3 non-polymer 'URANIUM ATOM'
4 water water
#
loop_
_entity_poly.entity_id
_entity_poly.type
_entity_poly.pdbx_seq_one_letter_code
_entity_poly.pdbx_strand_id
1 'polypeptide(L)'
;ADVPAGVQLADKQTLVRNNGSEVQSLDPHKIEGVPESNVSRDLFEGLLISDVEGHPSPGVAEKWENKDFKVWTFHLRENA
KWSDGTPVTAHDFVYSWQRLADPNTASPYASYLQYGHIANIDDIIAGKKPATDLGVKALDDHTFEVTLSEPVPYFYKLLV
HPSVSPVPKSAVEKFGDKWTQPANIVTNGAYKLKNWVVNERIVLERNPQYWDNAKTVINQVTYLPISSEVTDVNRYRSGE
IDMTYNNMPIELFQKLKKEIPNEVRVDPYLCTYYYEINNQKAPFNDVRVRTALKLALDRDIIVNKVKNQGDLPAYSYTPP
YTDGAKLVEPEWFKWSQQKRNEEAKKLLAEAGFTADKPLTFDLLYNTSDLHKKLAIAVASIWKKNLGVNVNLENQEWKTF
LDTRHQGTFDVARAGWCADYNEPTSFLNTMLSDSSNNTAHYKSPAFDKLIADTLKVADDTQRSELYAKAEQQLDKDSAIV
PVYYYVNARLVKPWVGGYTGKDPLDNIYVKNLYIIKH
;
A
2 'polypeptide(L)' KCK B
#
# COMPACT_ATOMS: atom_id res chain seq x y z
N ALA A 1 6.26 -18.31 14.16
CA ALA A 1 7.65 -18.34 13.70
C ALA A 1 8.17 -19.78 13.64
N ASP A 2 9.01 -20.07 12.66
CA ASP A 2 9.63 -21.44 12.65
C ASP A 2 11.10 -21.27 12.94
N VAL A 3 11.48 -21.45 14.19
CA VAL A 3 12.90 -21.22 14.55
C VAL A 3 13.79 -22.36 14.12
N PRO A 4 14.82 -22.11 13.31
CA PRO A 4 15.73 -23.15 12.84
C PRO A 4 16.37 -23.96 13.95
N ALA A 5 16.55 -25.27 13.70
CA ALA A 5 17.18 -26.17 14.66
C ALA A 5 18.55 -25.60 15.00
N GLY A 6 18.97 -25.66 16.27
CA GLY A 6 20.25 -25.08 16.59
C GLY A 6 20.32 -23.58 16.79
N VAL A 7 19.27 -22.77 16.52
CA VAL A 7 19.43 -21.36 16.83
C VAL A 7 19.11 -21.18 18.31
N GLN A 8 19.84 -20.28 18.92
CA GLN A 8 19.60 -19.96 20.32
C GLN A 8 18.70 -18.74 20.42
N LEU A 9 17.61 -18.83 21.17
CA LEU A 9 16.73 -17.68 21.32
C LEU A 9 17.11 -16.83 22.52
N ALA A 10 16.95 -15.52 22.40
CA ALA A 10 17.21 -14.61 23.52
C ALA A 10 16.20 -14.86 24.60
N ASP A 11 16.60 -14.56 25.84
CA ASP A 11 15.71 -14.71 26.98
C ASP A 11 14.49 -13.81 26.73
N LYS A 12 14.77 -12.57 26.34
CA LYS A 12 13.71 -11.60 26.14
C LYS A 12 13.30 -11.51 24.66
N GLN A 13 12.07 -11.83 24.37
CA GLN A 13 11.58 -11.78 22.96
C GLN A 13 10.73 -10.57 22.71
N THR A 14 11.35 -9.40 22.52
CA THR A 14 10.71 -8.12 22.27
C THR A 14 11.34 -7.51 21.02
N LEU A 15 10.55 -6.70 20.32
CA LEU A 15 11.02 -6.17 19.04
C LEU A 15 10.60 -4.72 18.92
N VAL A 16 11.44 -3.86 18.37
CA VAL A 16 11.06 -2.45 18.22
C VAL A 16 11.19 -2.19 16.71
N ARG A 17 10.10 -1.72 16.07
CA ARG A 17 10.17 -1.46 14.63
C ARG A 17 9.84 -0.01 14.38
N ASN A 18 10.55 0.68 13.51
CA ASN A 18 10.07 2.03 13.18
C ASN A 18 8.97 1.82 12.11
N ASN A 19 7.91 2.59 12.11
CA ASN A 19 6.79 2.45 11.21
C ASN A 19 6.51 3.69 10.36
N GLY A 20 7.47 4.62 10.26
CA GLY A 20 7.35 5.74 9.32
C GLY A 20 6.54 6.92 9.73
N SER A 21 5.39 6.77 10.40
CA SER A 21 4.59 7.89 10.85
C SER A 21 3.47 7.39 11.75
N GLU A 22 2.70 8.32 12.29
CA GLU A 22 1.56 8.02 13.12
C GLU A 22 0.48 7.41 12.21
N VAL A 23 -0.18 6.34 12.63
CA VAL A 23 -1.10 5.67 11.69
C VAL A 23 -2.35 6.52 11.56
N GLN A 24 -3.04 6.32 10.47
CA GLN A 24 -4.32 7.01 10.28
C GLN A 24 -5.28 6.48 11.35
N SER A 25 -5.25 5.16 11.58
CA SER A 25 -6.24 4.52 12.44
C SER A 25 -5.81 3.09 12.68
N LEU A 26 -6.44 2.40 13.65
CA LEU A 26 -6.24 0.95 13.79
C LEU A 26 -7.50 0.21 13.30
N ASP A 27 -8.45 0.97 12.78
CA ASP A 27 -9.70 0.39 12.25
C ASP A 27 -9.40 -0.03 10.83
N PRO A 28 -9.42 -1.33 10.55
CA PRO A 28 -9.16 -1.88 9.24
C PRO A 28 -9.92 -1.32 8.04
N HIS A 29 -11.08 -0.70 8.31
CA HIS A 29 -11.92 -0.10 7.28
C HIS A 29 -11.64 1.40 7.14
N LYS A 30 -10.78 1.99 7.95
CA LYS A 30 -10.49 3.42 7.78
C LYS A 30 -9.04 3.63 7.33
N ILE A 31 -8.35 2.62 6.85
CA ILE A 31 -6.93 2.76 6.54
C ILE A 31 -6.60 2.47 5.10
N GLU A 32 -5.43 3.00 4.64
CA GLU A 32 -5.06 2.70 3.24
C GLU A 32 -3.55 2.64 3.10
N GLY A 33 -2.78 2.81 4.17
CA GLY A 33 -1.32 2.92 3.97
C GLY A 33 -0.45 1.78 4.50
N VAL A 34 0.84 1.83 4.17
CA VAL A 34 1.83 0.85 4.62
C VAL A 34 1.98 0.85 6.12
N PRO A 35 2.22 2.00 6.76
CA PRO A 35 2.30 2.10 8.21
C PRO A 35 1.04 1.53 8.88
N GLU A 36 -0.14 1.86 8.33
CA GLU A 36 -1.40 1.33 8.87
C GLU A 36 -1.44 -0.19 8.72
N SER A 37 -1.06 -0.70 7.51
CA SER A 37 -1.13 -2.15 7.25
C SER A 37 -0.09 -2.91 8.03
N ASN A 38 1.05 -2.30 8.38
CA ASN A 38 2.06 -2.96 9.19
C ASN A 38 1.53 -3.40 10.55
N VAL A 39 0.87 -2.48 11.24
CA VAL A 39 0.26 -2.76 12.52
C VAL A 39 -0.98 -3.63 12.32
N SER A 40 -1.78 -3.42 11.28
CA SER A 40 -3.02 -4.24 11.09
C SER A 40 -2.74 -5.71 10.93
N ARG A 41 -1.63 -6.09 10.24
CA ARG A 41 -1.38 -7.52 10.09
C ARG A 41 -1.11 -8.23 11.41
N ASP A 42 -0.56 -7.52 12.42
CA ASP A 42 -0.35 -8.13 13.71
C ASP A 42 -1.63 -8.23 14.54
N LEU A 43 -2.57 -7.32 14.35
CA LEU A 43 -3.82 -7.35 15.11
C LEU A 43 -5.03 -8.06 14.52
N PHE A 44 -5.31 -7.93 13.24
CA PHE A 44 -6.46 -8.47 12.58
C PHE A 44 -6.08 -9.44 11.47
N GLU A 45 -6.69 -10.65 11.55
CA GLU A 45 -6.41 -11.67 10.57
C GLU A 45 -7.60 -12.04 9.70
N GLY A 46 -7.44 -11.93 8.38
CA GLY A 46 -8.46 -12.27 7.41
C GLY A 46 -8.52 -13.77 7.11
N LEU A 47 -9.19 -14.06 6.00
CA LEU A 47 -9.40 -15.44 5.55
C LEU A 47 -8.06 -16.10 5.22
N LEU A 48 -7.22 -15.42 4.47
CA LEU A 48 -5.88 -15.88 4.11
C LEU A 48 -4.85 -14.90 4.67
N ILE A 49 -3.59 -15.33 4.78
CA ILE A 49 -2.53 -14.41 5.23
C ILE A 49 -1.35 -14.68 4.30
N SER A 50 -0.33 -13.83 4.22
CA SER A 50 0.85 -14.21 3.45
C SER A 50 1.77 -15.10 4.28
N ASP A 51 2.40 -16.13 3.70
CA ASP A 51 3.38 -16.89 4.50
C ASP A 51 4.64 -16.02 4.60
N VAL A 52 5.74 -16.48 5.18
CA VAL A 52 6.97 -15.70 5.29
C VAL A 52 7.58 -15.33 3.96
N GLU A 53 7.23 -15.96 2.84
CA GLU A 53 7.77 -15.61 1.55
C GLU A 53 6.72 -14.89 0.71
N GLY A 54 5.58 -14.57 1.35
CA GLY A 54 4.57 -13.80 0.59
C GLY A 54 3.49 -14.58 -0.09
N HIS A 55 3.49 -15.93 -0.10
CA HIS A 55 2.42 -16.64 -0.80
C HIS A 55 1.13 -16.61 0.02
N PRO A 56 0.02 -16.44 -0.66
CA PRO A 56 -1.29 -16.43 0.00
C PRO A 56 -1.45 -17.77 0.68
N SER A 57 -1.81 -17.84 1.94
CA SER A 57 -1.81 -19.08 2.70
C SER A 57 -2.99 -19.01 3.68
N PRO A 58 -3.27 -20.12 4.33
CA PRO A 58 -4.42 -20.18 5.22
C PRO A 58 -4.39 -19.14 6.32
N GLY A 59 -5.51 -18.41 6.53
CA GLY A 59 -5.49 -17.48 7.68
C GLY A 59 -6.62 -18.03 8.58
N VAL A 60 -7.70 -17.31 8.76
CA VAL A 60 -8.86 -17.83 9.48
C VAL A 60 -9.46 -18.99 8.67
N ALA A 61 -9.41 -18.92 7.34
CA ALA A 61 -9.85 -20.00 6.48
C ALA A 61 -8.76 -21.06 6.39
N GLU A 62 -9.06 -22.31 6.79
CA GLU A 62 -8.00 -23.34 6.69
C GLU A 62 -8.04 -24.00 5.30
N LYS A 63 -9.15 -23.88 4.58
CA LYS A 63 -9.21 -24.41 3.22
C LYS A 63 -10.36 -23.78 2.47
N TRP A 64 -10.27 -23.75 1.14
CA TRP A 64 -11.31 -23.06 0.37
C TRP A 64 -11.44 -23.69 -1.00
N GLU A 65 -12.58 -23.53 -1.64
CA GLU A 65 -12.78 -24.03 -2.99
C GLU A 65 -13.54 -22.93 -3.74
N ASN A 66 -13.53 -23.02 -5.05
CA ASN A 66 -14.25 -22.09 -5.89
C ASN A 66 -15.00 -22.90 -6.97
N LYS A 67 -16.10 -22.30 -7.36
CA LYS A 67 -16.92 -22.82 -8.43
C LYS A 67 -16.82 -21.80 -9.58
N ASP A 68 -16.22 -22.18 -10.67
CA ASP A 68 -16.03 -21.33 -11.83
C ASP A 68 -15.38 -19.97 -11.55
N PHE A 69 -14.54 -19.87 -10.50
CA PHE A 69 -13.97 -18.59 -10.12
C PHE A 69 -15.01 -17.55 -9.74
N LYS A 70 -16.24 -17.96 -9.41
CA LYS A 70 -17.32 -17.02 -9.13
C LYS A 70 -17.90 -17.21 -7.75
N VAL A 71 -17.94 -18.46 -7.26
CA VAL A 71 -18.49 -18.69 -5.94
C VAL A 71 -17.35 -19.30 -5.12
N TRP A 72 -16.91 -18.59 -4.11
CA TRP A 72 -15.77 -19.00 -3.28
C TRP A 72 -16.25 -19.36 -1.89
N THR A 73 -15.94 -20.55 -1.44
CA THR A 73 -16.35 -21.05 -0.12
C THR A 73 -15.17 -21.31 0.79
N PHE A 74 -15.13 -20.61 1.91
CA PHE A 74 -14.05 -20.67 2.89
C PHE A 74 -14.47 -21.41 4.17
N HIS A 75 -13.74 -22.44 4.52
CA HIS A 75 -13.94 -23.29 5.69
C HIS A 75 -13.05 -22.75 6.80
N LEU A 76 -13.68 -22.08 7.77
CA LEU A 76 -12.96 -21.41 8.82
C LEU A 76 -12.58 -22.39 9.93
N ARG A 77 -11.33 -22.18 10.39
CA ARG A 77 -10.84 -23.12 11.41
C ARG A 77 -11.68 -23.01 12.66
N GLU A 78 -12.01 -24.19 13.18
CA GLU A 78 -12.82 -24.24 14.42
C GLU A 78 -12.24 -23.50 15.60
N ASN A 79 -10.93 -23.49 15.83
CA ASN A 79 -10.35 -22.76 16.95
C ASN A 79 -9.96 -21.31 16.69
N ALA A 80 -10.37 -20.64 15.62
CA ALA A 80 -10.04 -19.20 15.49
C ALA A 80 -10.83 -18.42 16.56
N LYS A 81 -10.14 -17.64 17.36
CA LYS A 81 -10.79 -16.86 18.41
C LYS A 81 -10.29 -15.40 18.40
N TRP A 82 -11.09 -14.51 18.94
CA TRP A 82 -10.78 -13.11 19.17
C TRP A 82 -10.01 -13.03 20.49
N SER A 83 -9.44 -11.87 20.84
CA SER A 83 -8.67 -11.78 22.07
C SER A 83 -9.49 -11.86 23.33
N ASP A 84 -10.82 -11.74 23.31
CA ASP A 84 -11.61 -11.91 24.50
C ASP A 84 -12.02 -13.39 24.64
N GLY A 85 -11.50 -14.27 23.79
CA GLY A 85 -11.84 -15.66 23.84
C GLY A 85 -13.04 -16.11 23.05
N THR A 86 -13.82 -15.21 22.47
CA THR A 86 -15.00 -15.64 21.72
C THR A 86 -14.61 -16.07 20.31
N PRO A 87 -15.38 -16.95 19.71
CA PRO A 87 -15.04 -17.49 18.41
C PRO A 87 -15.02 -16.49 17.28
N VAL A 88 -14.11 -16.73 16.32
CA VAL A 88 -14.16 -15.94 15.10
C VAL A 88 -15.13 -16.69 14.18
N THR A 89 -16.19 -16.09 13.68
CA THR A 89 -17.12 -16.89 12.87
C THR A 89 -17.25 -16.33 11.48
N ALA A 90 -18.00 -17.00 10.60
CA ALA A 90 -18.30 -16.50 9.28
C ALA A 90 -19.25 -15.28 9.39
N HIS A 91 -20.03 -15.16 10.44
CA HIS A 91 -20.91 -14.01 10.65
C HIS A 91 -20.05 -12.74 10.88
N ASP A 92 -18.88 -12.90 11.50
CA ASP A 92 -17.97 -11.76 11.65
C ASP A 92 -17.57 -11.20 10.28
N PHE A 93 -17.21 -12.11 9.36
CA PHE A 93 -16.82 -11.69 8.03
C PHE A 93 -17.99 -11.07 7.28
N VAL A 94 -19.20 -11.64 7.45
CA VAL A 94 -20.37 -11.07 6.80
C VAL A 94 -20.54 -9.63 7.28
N TYR A 95 -20.57 -9.41 8.57
CA TYR A 95 -20.77 -8.05 9.10
C TYR A 95 -19.63 -7.14 8.65
N SER A 96 -18.40 -7.64 8.74
CA SER A 96 -17.23 -6.87 8.32
C SER A 96 -17.24 -6.41 6.88
N TRP A 97 -17.41 -7.32 5.91
CA TRP A 97 -17.41 -6.88 4.51
C TRP A 97 -18.61 -6.01 4.18
N GLN A 98 -19.75 -6.20 4.87
CA GLN A 98 -20.86 -5.25 4.65
C GLN A 98 -20.48 -3.84 5.14
N ARG A 99 -19.85 -3.74 6.30
CA ARG A 99 -19.43 -2.46 6.86
C ARG A 99 -18.38 -1.77 5.96
N LEU A 100 -17.52 -2.58 5.37
CA LEU A 100 -16.59 -2.06 4.38
C LEU A 100 -17.32 -1.49 3.16
N ALA A 101 -18.35 -2.19 2.68
CA ALA A 101 -19.10 -1.76 1.51
C ALA A 101 -19.98 -0.51 1.76
N ASP A 102 -20.48 -0.34 2.95
CA ASP A 102 -21.39 0.75 3.31
C ASP A 102 -20.78 2.14 3.20
N PRO A 103 -21.41 2.99 2.41
CA PRO A 103 -20.97 4.36 2.18
C PRO A 103 -20.92 5.17 3.44
N ASN A 104 -21.73 4.83 4.45
CA ASN A 104 -21.61 5.50 5.73
C ASN A 104 -20.24 5.23 6.37
N THR A 105 -19.60 4.09 6.15
CA THR A 105 -18.25 3.91 6.72
C THR A 105 -17.21 4.78 6.01
N ALA A 106 -17.45 5.13 4.74
CA ALA A 106 -16.52 5.98 4.02
C ALA A 106 -15.12 5.39 3.95
N SER A 107 -14.98 4.09 3.71
CA SER A 107 -13.64 3.53 3.73
C SER A 107 -12.94 4.03 2.48
N PRO A 108 -11.64 4.30 2.61
CA PRO A 108 -10.82 4.58 1.44
C PRO A 108 -10.70 3.30 0.60
N TYR A 109 -10.95 2.14 1.22
CA TYR A 109 -10.88 0.86 0.50
C TYR A 109 -12.25 0.27 0.23
N ALA A 110 -13.34 1.07 0.19
CA ALA A 110 -14.63 0.56 -0.21
C ALA A 110 -14.54 -0.17 -1.55
N SER A 111 -13.77 0.40 -2.50
CA SER A 111 -13.64 -0.18 -3.83
C SER A 111 -12.88 -1.50 -3.88
N TYR A 112 -12.25 -1.96 -2.83
CA TYR A 112 -11.58 -3.26 -2.83
C TYR A 112 -12.62 -4.36 -3.18
N LEU A 113 -13.89 -4.15 -2.81
CA LEU A 113 -14.96 -5.11 -3.05
C LEU A 113 -15.43 -5.01 -4.52
N GLN A 114 -15.19 -3.89 -5.19
CA GLN A 114 -15.34 -3.76 -6.62
C GLN A 114 -14.22 -4.48 -7.33
N TYR A 115 -13.00 -4.35 -6.79
CA TYR A 115 -11.86 -5.00 -7.45
C TYR A 115 -12.01 -6.52 -7.43
N GLY A 116 -12.61 -7.03 -6.33
CA GLY A 116 -12.90 -8.47 -6.29
C GLY A 116 -14.22 -8.78 -6.95
N HIS A 117 -15.03 -7.80 -7.29
CA HIS A 117 -16.31 -7.97 -7.94
C HIS A 117 -17.35 -8.76 -7.13
N ILE A 118 -17.39 -8.56 -5.84
CA ILE A 118 -18.43 -9.22 -5.01
C ILE A 118 -19.78 -8.76 -5.54
N ALA A 119 -20.78 -9.59 -5.62
CA ALA A 119 -22.08 -9.20 -6.18
C ALA A 119 -22.70 -8.04 -5.43
N ASN A 120 -23.37 -7.13 -6.14
CA ASN A 120 -24.11 -5.98 -5.76
C ASN A 120 -23.28 -4.81 -5.21
N ILE A 121 -21.96 -4.91 -5.22
CA ILE A 121 -21.13 -3.84 -4.66
C ILE A 121 -21.38 -2.48 -5.33
N ASP A 122 -21.52 -2.35 -6.62
CA ASP A 122 -21.72 -1.06 -7.29
C ASP A 122 -22.95 -0.34 -6.75
N ASP A 123 -24.07 -1.06 -6.65
CA ASP A 123 -25.31 -0.55 -6.09
C ASP A 123 -25.17 -0.16 -4.62
N ILE A 124 -24.44 -1.02 -3.90
CA ILE A 124 -24.27 -0.70 -2.47
C ILE A 124 -23.49 0.61 -2.35
N ILE A 125 -22.39 0.74 -3.07
CA ILE A 125 -21.59 1.98 -2.98
C ILE A 125 -22.40 3.19 -3.40
N ALA A 126 -23.24 3.01 -4.42
CA ALA A 126 -24.08 4.11 -4.91
C ALA A 126 -25.26 4.43 -4.06
N GLY A 127 -25.51 3.77 -2.92
CA GLY A 127 -26.61 4.07 -2.03
C GLY A 127 -27.92 3.48 -2.50
N LYS A 128 -27.90 2.70 -3.59
CA LYS A 128 -29.10 2.12 -4.16
C LYS A 128 -29.59 0.84 -3.51
N LYS A 129 -28.74 0.04 -2.88
CA LYS A 129 -29.12 -1.16 -2.16
C LYS A 129 -28.40 -1.05 -0.80
N PRO A 130 -29.00 -1.58 0.25
CA PRO A 130 -28.37 -1.57 1.55
C PRO A 130 -27.18 -2.53 1.53
N ALA A 131 -26.27 -2.34 2.48
CA ALA A 131 -25.04 -3.13 2.57
C ALA A 131 -25.33 -4.60 2.77
N THR A 132 -26.48 -4.92 3.39
CA THR A 132 -26.94 -6.30 3.55
C THR A 132 -27.18 -7.01 2.27
N ASP A 133 -27.37 -6.39 1.10
CA ASP A 133 -27.47 -7.11 -0.16
C ASP A 133 -26.11 -7.64 -0.66
N LEU A 134 -25.00 -7.34 -0.01
CA LEU A 134 -23.68 -7.73 -0.59
C LEU A 134 -23.62 -9.21 -0.81
N GLY A 135 -22.99 -9.73 -1.85
CA GLY A 135 -22.91 -11.16 -2.12
C GLY A 135 -22.02 -11.97 -1.20
N VAL A 136 -22.29 -11.93 0.10
CA VAL A 136 -21.55 -12.71 1.09
C VAL A 136 -22.61 -13.32 2.00
N LYS A 137 -22.34 -14.52 2.47
CA LYS A 137 -23.18 -15.14 3.46
C LYS A 137 -22.39 -16.17 4.25
N ALA A 138 -22.88 -16.37 5.48
CA ALA A 138 -22.34 -17.39 6.35
C ALA A 138 -23.29 -18.60 6.17
N LEU A 139 -22.78 -19.67 5.60
CA LEU A 139 -23.64 -20.86 5.44
C LEU A 139 -23.77 -21.55 6.80
N ASP A 140 -22.83 -21.30 7.73
CA ASP A 140 -22.86 -21.70 9.11
C ASP A 140 -21.78 -20.92 9.88
N ASP A 141 -21.59 -21.12 11.18
CA ASP A 141 -20.55 -20.46 11.93
C ASP A 141 -19.15 -20.62 11.36
N HIS A 142 -18.82 -21.71 10.63
CA HIS A 142 -17.44 -21.84 10.16
C HIS A 142 -17.32 -21.90 8.64
N THR A 143 -18.32 -21.42 7.95
CA THR A 143 -18.32 -21.43 6.51
C THR A 143 -18.76 -20.09 5.90
N PHE A 144 -17.84 -19.44 5.20
CA PHE A 144 -18.08 -18.14 4.56
C PHE A 144 -18.07 -18.30 3.04
N GLU A 145 -19.14 -17.85 2.38
CA GLU A 145 -19.32 -18.02 0.95
C GLU A 145 -19.44 -16.71 0.20
N VAL A 146 -18.55 -16.51 -0.77
CA VAL A 146 -18.56 -15.22 -1.48
C VAL A 146 -19.03 -15.49 -2.90
N THR A 147 -19.94 -14.64 -3.36
CA THR A 147 -20.43 -14.76 -4.73
C THR A 147 -20.01 -13.54 -5.52
N LEU A 148 -19.27 -13.75 -6.58
CA LEU A 148 -18.85 -12.64 -7.47
C LEU A 148 -19.73 -12.48 -8.69
N SER A 149 -19.75 -11.30 -9.30
CA SER A 149 -20.58 -11.16 -10.52
C SER A 149 -19.89 -11.61 -11.79
N GLU A 150 -18.63 -12.03 -11.80
CA GLU A 150 -17.94 -12.52 -13.00
C GLU A 150 -16.79 -13.39 -12.44
N PRO A 151 -16.23 -14.28 -13.21
CA PRO A 151 -15.11 -15.09 -12.80
C PRO A 151 -13.87 -14.25 -12.54
N VAL A 152 -13.26 -14.49 -11.39
CA VAL A 152 -12.01 -13.77 -11.01
C VAL A 152 -11.04 -14.81 -10.50
N PRO A 153 -10.15 -15.34 -11.34
CA PRO A 153 -9.30 -16.46 -10.97
C PRO A 153 -8.31 -16.13 -9.89
N TYR A 154 -7.84 -14.86 -9.89
CA TYR A 154 -6.95 -14.41 -8.82
C TYR A 154 -7.64 -13.90 -7.57
N PHE A 155 -8.95 -14.06 -7.40
CA PHE A 155 -9.67 -13.50 -6.25
C PHE A 155 -9.07 -13.78 -4.89
N TYR A 156 -8.70 -15.02 -4.57
CA TYR A 156 -8.15 -15.28 -3.24
C TYR A 156 -6.90 -14.49 -2.89
N LYS A 157 -6.13 -14.04 -3.87
CA LYS A 157 -4.89 -13.28 -3.64
C LYS A 157 -5.23 -11.97 -2.95
N LEU A 158 -6.42 -11.42 -3.24
CA LEU A 158 -6.81 -10.18 -2.59
C LEU A 158 -7.01 -10.30 -1.07
N LEU A 159 -7.32 -11.46 -0.54
CA LEU A 159 -7.80 -11.62 0.82
C LEU A 159 -6.84 -11.45 1.96
N VAL A 160 -5.55 -11.26 1.71
CA VAL A 160 -4.59 -10.96 2.77
C VAL A 160 -4.64 -9.48 3.16
N HIS A 161 -5.38 -8.61 2.53
CA HIS A 161 -5.37 -7.17 2.77
C HIS A 161 -6.19 -6.78 3.99
N PRO A 162 -5.78 -5.78 4.76
CA PRO A 162 -6.45 -5.39 5.99
C PRO A 162 -7.91 -4.99 5.77
N SER A 163 -8.28 -4.46 4.60
CA SER A 163 -9.68 -4.03 4.43
C SER A 163 -10.65 -5.20 4.45
N VAL A 164 -10.25 -6.43 4.20
CA VAL A 164 -11.07 -7.62 4.25
C VAL A 164 -10.77 -8.44 5.53
N SER A 165 -10.13 -7.80 6.52
CA SER A 165 -10.01 -8.42 7.84
C SER A 165 -11.31 -8.21 8.63
N PRO A 166 -11.59 -9.08 9.58
CA PRO A 166 -12.83 -8.94 10.34
C PRO A 166 -12.69 -7.87 11.37
N VAL A 167 -13.79 -7.25 11.78
CA VAL A 167 -13.79 -6.32 12.89
C VAL A 167 -14.87 -6.83 13.86
N PRO A 168 -14.72 -6.57 15.13
CA PRO A 168 -15.64 -7.10 16.15
C PRO A 168 -16.86 -6.22 16.32
N LYS A 169 -18.00 -6.63 15.77
CA LYS A 169 -19.24 -5.87 15.76
C LYS A 169 -19.65 -5.30 17.12
N SER A 170 -19.53 -6.10 18.17
CA SER A 170 -19.96 -5.56 19.48
C SER A 170 -19.16 -4.37 19.97
N ALA A 171 -17.85 -4.34 19.82
CA ALA A 171 -17.03 -3.20 20.22
C ALA A 171 -17.30 -1.99 19.35
N VAL A 172 -17.40 -2.25 18.05
CA VAL A 172 -17.73 -1.25 17.06
C VAL A 172 -19.07 -0.61 17.45
N GLU A 173 -20.12 -1.41 17.52
CA GLU A 173 -21.43 -0.85 17.89
C GLU A 173 -21.46 -0.10 19.22
N LYS A 174 -20.81 -0.67 20.22
CA LYS A 174 -20.85 -0.08 21.54
C LYS A 174 -20.00 1.16 21.72
N PHE A 175 -18.78 1.20 21.17
CA PHE A 175 -17.90 2.34 21.39
C PHE A 175 -17.69 3.24 20.18
N GLY A 176 -18.28 2.91 19.02
CA GLY A 176 -18.15 3.77 17.87
C GLY A 176 -16.68 4.01 17.51
N ASP A 177 -16.28 5.25 17.30
CA ASP A 177 -14.93 5.68 17.01
C ASP A 177 -13.87 5.33 18.04
N LYS A 178 -14.23 5.04 19.29
CA LYS A 178 -13.27 4.72 20.32
C LYS A 178 -13.12 3.21 20.47
N TRP A 179 -13.75 2.41 19.61
CA TRP A 179 -13.63 0.96 19.64
C TRP A 179 -12.18 0.49 19.59
N THR A 180 -11.26 1.22 18.95
CA THR A 180 -9.88 0.81 18.83
C THR A 180 -9.01 1.26 20.02
N GLN A 181 -9.57 1.93 21.02
CA GLN A 181 -8.70 2.26 22.19
C GLN A 181 -8.35 0.95 22.85
N PRO A 182 -7.27 0.87 23.57
CA PRO A 182 -6.81 -0.36 24.19
C PRO A 182 -7.80 -0.96 25.17
N ALA A 183 -8.53 -0.10 25.89
CA ALA A 183 -9.49 -0.68 26.86
C ALA A 183 -10.71 -1.23 26.17
N ASN A 184 -10.98 -0.91 24.89
CA ASN A 184 -12.14 -1.36 24.17
C ASN A 184 -11.92 -2.38 23.05
N ILE A 185 -10.76 -2.27 22.43
CA ILE A 185 -10.47 -3.03 21.22
C ILE A 185 -10.44 -4.51 21.47
N VAL A 186 -10.84 -5.29 20.49
CA VAL A 186 -10.77 -6.75 20.50
C VAL A 186 -10.12 -7.20 19.20
N THR A 187 -9.17 -8.13 19.21
CA THR A 187 -8.43 -8.49 17.98
C THR A 187 -8.33 -10.00 17.73
N ASN A 188 -8.06 -10.43 16.50
CA ASN A 188 -7.96 -11.88 16.26
C ASN A 188 -6.63 -12.25 15.63
N GLY A 189 -5.71 -11.27 15.55
CA GLY A 189 -4.38 -11.66 14.99
C GLY A 189 -3.49 -12.17 16.12
N ALA A 190 -2.19 -12.38 15.82
CA ALA A 190 -1.30 -12.94 16.85
C ALA A 190 -1.02 -12.02 18.01
N TYR A 191 -1.32 -10.74 17.95
CA TYR A 191 -1.10 -9.73 18.95
C TYR A 191 -2.39 -8.98 19.33
N LYS A 192 -2.35 -8.28 20.43
CA LYS A 192 -3.39 -7.51 21.04
C LYS A 192 -2.80 -6.12 21.26
N LEU A 193 -3.62 -5.09 21.26
CA LEU A 193 -3.08 -3.77 21.54
C LEU A 193 -2.86 -3.55 23.04
N LYS A 194 -1.66 -3.23 23.49
CA LYS A 194 -1.38 -2.89 24.86
C LYS A 194 -1.40 -1.37 25.11
N ASN A 195 -0.65 -0.60 24.32
CA ASN A 195 -0.59 0.85 24.57
C ASN A 195 -0.57 1.58 23.21
N TRP A 196 -1.13 2.77 23.19
CA TRP A 196 -1.17 3.60 22.00
C TRP A 196 -1.10 5.07 22.43
N VAL A 197 0.12 5.62 22.30
CA VAL A 197 0.36 7.01 22.62
C VAL A 197 0.68 7.67 21.27
N VAL A 198 -0.24 8.52 20.86
CA VAL A 198 -0.13 9.20 19.57
C VAL A 198 1.18 9.94 19.45
N ASN A 199 1.88 9.76 18.33
CA ASN A 199 3.14 10.43 18.09
C ASN A 199 4.25 9.98 19.04
N GLU A 200 4.07 8.86 19.74
CA GLU A 200 5.12 8.32 20.59
C GLU A 200 5.27 6.86 20.24
N ARG A 201 4.27 6.00 20.44
CA ARG A 201 4.49 4.59 20.17
C ARG A 201 3.17 3.83 20.16
N ILE A 202 3.20 2.63 19.57
CA ILE A 202 2.13 1.67 19.64
C ILE A 202 2.77 0.37 20.17
N VAL A 203 2.23 -0.19 21.24
CA VAL A 203 2.86 -1.39 21.81
C VAL A 203 1.85 -2.53 21.74
N LEU A 204 2.25 -3.65 21.19
CA LEU A 204 1.40 -4.83 20.98
C LEU A 204 1.92 -5.99 21.85
N GLU A 205 1.00 -6.77 22.41
CA GLU A 205 1.49 -7.88 23.23
C GLU A 205 0.87 -9.15 22.68
N ARG A 206 1.56 -10.25 22.81
CA ARG A 206 1.04 -11.52 22.31
C ARG A 206 -0.40 -11.75 22.75
N ASN A 207 -1.15 -12.26 21.78
CA ASN A 207 -2.57 -12.58 22.02
C ASN A 207 -2.65 -14.08 22.30
N PRO A 208 -2.87 -14.53 23.52
CA PRO A 208 -2.91 -15.95 23.85
C PRO A 208 -4.07 -16.72 23.27
N GLN A 209 -5.15 -16.08 22.85
CA GLN A 209 -6.29 -16.75 22.20
C GLN A 209 -6.05 -16.96 20.71
N TYR A 210 -4.98 -16.38 20.14
CA TYR A 210 -4.71 -16.58 18.71
C TYR A 210 -4.63 -18.08 18.44
N TRP A 211 -5.28 -18.54 17.37
CA TRP A 211 -5.26 -19.98 17.09
C TRP A 211 -3.88 -20.54 16.91
N ASP A 212 -2.95 -19.78 16.32
CA ASP A 212 -1.60 -20.32 16.13
C ASP A 212 -0.64 -19.80 17.19
N ASN A 213 -1.13 -19.38 18.36
CA ASN A 213 -0.32 -18.83 19.42
C ASN A 213 0.91 -19.64 19.81
N ALA A 214 0.85 -20.99 19.79
CA ALA A 214 1.99 -21.80 20.17
C ALA A 214 3.20 -21.56 19.30
N LYS A 215 3.05 -21.09 18.05
CA LYS A 215 4.20 -20.81 17.21
C LYS A 215 4.68 -19.35 17.29
N THR A 216 3.92 -18.49 17.94
CA THR A 216 4.33 -17.10 18.10
C THR A 216 5.54 -17.06 19.04
N VAL A 217 6.54 -16.26 18.78
CA VAL A 217 7.74 -16.17 19.60
C VAL A 217 7.90 -14.79 20.24
N ILE A 218 7.74 -13.69 19.50
CA ILE A 218 7.92 -12.36 20.06
C ILE A 218 6.74 -12.09 21.01
N ASN A 219 7.02 -11.69 22.24
CA ASN A 219 5.96 -11.44 23.19
C ASN A 219 5.45 -10.04 23.10
N GLN A 220 6.27 -9.12 22.58
CA GLN A 220 5.94 -7.71 22.50
C GLN A 220 6.66 -7.02 21.37
N VAL A 221 5.87 -6.21 20.65
CA VAL A 221 6.50 -5.44 19.56
C VAL A 221 5.96 -4.01 19.70
N THR A 222 6.83 -3.03 19.58
CA THR A 222 6.50 -1.62 19.58
C THR A 222 6.67 -1.05 18.17
N TYR A 223 5.67 -0.31 17.72
CA TYR A 223 5.79 0.39 16.43
C TYR A 223 6.06 1.84 16.70
N LEU A 224 7.08 2.49 16.18
CA LEU A 224 7.30 3.91 16.39
C LEU A 224 6.88 4.71 15.16
N PRO A 225 6.66 5.99 15.35
CA PRO A 225 6.13 6.81 14.24
C PRO A 225 7.13 7.78 13.72
N ILE A 226 8.39 7.39 13.55
CA ILE A 226 9.41 8.40 13.18
C ILE A 226 9.47 8.67 11.70
N SER A 227 9.22 9.88 11.23
CA SER A 227 9.18 10.10 9.77
C SER A 227 10.53 10.52 9.20
N SER A 228 11.43 10.93 10.11
CA SER A 228 12.79 11.25 9.71
C SER A 228 13.59 9.95 9.56
N GLU A 229 13.95 9.61 8.33
CA GLU A 229 14.76 8.42 8.05
C GLU A 229 16.11 8.51 8.76
N VAL A 230 16.71 9.71 8.88
CA VAL A 230 17.99 9.88 9.58
C VAL A 230 17.85 9.47 11.03
N THR A 231 16.75 9.94 11.66
CA THR A 231 16.51 9.64 13.07
C THR A 231 16.29 8.15 13.25
N ASP A 232 15.53 7.58 12.32
CA ASP A 232 15.26 6.13 12.39
C ASP A 232 16.59 5.38 12.38
N VAL A 233 17.46 5.67 11.44
CA VAL A 233 18.80 5.06 11.39
C VAL A 233 19.60 5.35 12.66
N ASN A 234 19.56 6.59 13.13
CA ASN A 234 20.31 6.84 14.38
C ASN A 234 19.83 6.00 15.53
N ARG A 235 18.53 5.87 15.72
CA ARG A 235 17.98 5.06 16.83
C ARG A 235 18.10 3.57 16.62
N TYR A 236 18.24 3.15 15.39
CA TYR A 236 18.60 1.77 15.05
C TYR A 236 20.05 1.55 15.51
N ARG A 237 20.97 2.42 15.11
CA ARG A 237 22.38 2.21 15.41
C ARG A 237 22.69 2.51 16.87
N SER A 238 21.85 3.25 17.59
CA SER A 238 22.07 3.43 19.03
C SER A 238 21.66 2.20 19.83
N GLY A 239 20.83 1.32 19.19
CA GLY A 239 20.41 0.11 19.89
C GLY A 239 18.90 0.06 20.17
N GLU A 240 18.23 1.19 20.13
CA GLU A 240 16.78 1.24 20.45
C GLU A 240 15.92 0.54 19.41
N ILE A 241 16.16 0.65 18.12
CA ILE A 241 15.38 0.09 17.05
C ILE A 241 16.02 -1.15 16.46
N ASP A 242 15.23 -2.23 16.31
CA ASP A 242 15.73 -3.47 15.75
C ASP A 242 15.53 -3.51 14.24
N MET A 243 14.46 -2.87 13.72
CA MET A 243 14.20 -2.88 12.28
C MET A 243 13.81 -1.47 11.86
N THR A 244 14.51 -0.80 10.96
CA THR A 244 14.04 0.54 10.63
C THR A 244 12.78 0.42 9.76
N TYR A 245 12.17 1.58 9.48
CA TYR A 245 11.11 1.58 8.48
C TYR A 245 11.83 1.48 7.12
N ASN A 246 11.13 1.18 6.02
CA ASN A 246 11.81 0.98 4.75
C ASN A 246 11.75 2.21 3.87
N ASN A 247 12.13 3.35 4.37
CA ASN A 247 12.39 4.63 3.71
C ASN A 247 13.85 4.91 4.19
N MET A 248 14.84 4.96 3.33
CA MET A 248 16.21 5.19 3.78
C MET A 248 16.71 6.61 3.48
N PRO A 249 17.55 7.17 4.35
CA PRO A 249 18.00 8.54 4.20
C PRO A 249 19.08 8.73 3.14
N ILE A 250 18.93 9.79 2.35
CA ILE A 250 19.95 10.08 1.31
C ILE A 250 21.25 10.40 2.02
N GLU A 251 21.17 11.07 3.20
CA GLU A 251 22.35 11.41 3.94
C GLU A 251 23.28 10.25 4.26
N LEU A 252 22.69 9.19 4.78
CA LEU A 252 23.48 8.09 5.31
C LEU A 252 23.59 6.81 4.52
N PHE A 253 22.73 6.50 3.56
CA PHE A 253 22.69 5.19 2.91
C PHE A 253 23.99 4.67 2.34
N GLN A 254 24.70 5.51 1.58
CA GLN A 254 25.94 5.01 0.95
C GLN A 254 26.93 4.55 2.01
N LYS A 255 27.06 5.30 3.09
CA LYS A 255 27.93 4.99 4.23
C LYS A 255 27.44 3.74 4.93
N LEU A 256 26.12 3.58 5.07
CA LEU A 256 25.59 2.39 5.76
C LEU A 256 25.91 1.10 5.03
N LYS A 257 25.81 1.12 3.70
CA LYS A 257 26.15 -0.08 2.93
C LYS A 257 27.61 -0.43 3.09
N LYS A 258 28.47 0.57 3.34
CA LYS A 258 29.88 0.25 3.52
C LYS A 258 30.13 -0.10 4.97
N GLU A 259 29.39 0.48 5.91
CA GLU A 259 29.63 0.17 7.33
C GLU A 259 28.97 -1.06 7.88
N ILE A 260 27.73 -1.36 7.51
CA ILE A 260 27.02 -2.53 8.05
C ILE A 260 26.28 -3.25 6.94
N PRO A 261 27.03 -3.75 5.96
CA PRO A 261 26.54 -4.42 4.78
C PRO A 261 25.54 -5.55 5.00
N ASN A 262 25.81 -6.34 6.00
CA ASN A 262 25.02 -7.47 6.43
C ASN A 262 23.66 -7.04 6.98
N GLU A 263 23.55 -5.81 7.44
CA GLU A 263 22.34 -5.27 8.03
C GLU A 263 21.42 -4.55 7.06
N VAL A 264 22.00 -4.03 5.98
CA VAL A 264 21.26 -3.34 4.94
C VAL A 264 20.62 -4.38 4.04
N ARG A 265 19.31 -4.50 4.12
CA ARG A 265 18.56 -5.47 3.33
C ARG A 265 17.98 -4.75 2.13
N VAL A 266 18.18 -5.26 0.93
CA VAL A 266 17.69 -4.58 -0.28
C VAL A 266 17.04 -5.62 -1.15
N ASP A 267 15.73 -5.56 -1.37
CA ASP A 267 15.04 -6.62 -2.10
C ASP A 267 13.99 -6.01 -3.04
N PRO A 268 13.50 -6.85 -3.92
CA PRO A 268 12.46 -6.42 -4.85
C PRO A 268 11.24 -6.02 -4.05
N TYR A 269 10.54 -5.05 -4.60
CA TYR A 269 9.35 -4.47 -3.94
C TYR A 269 8.42 -4.00 -5.06
N LEU A 270 7.13 -4.30 -4.93
CA LEU A 270 6.18 -3.96 -6.00
C LEU A 270 5.50 -2.61 -5.75
N CYS A 271 6.31 -1.53 -5.78
CA CYS A 271 5.75 -0.20 -5.47
C CYS A 271 6.32 0.77 -6.51
N THR A 272 5.56 1.82 -6.75
CA THR A 272 6.02 2.81 -7.72
C THR A 272 5.95 4.18 -7.06
N TYR A 273 7.04 4.92 -7.22
CA TYR A 273 7.11 6.29 -6.70
C TYR A 273 6.79 7.21 -7.87
N TYR A 274 5.87 8.11 -7.67
CA TYR A 274 5.47 9.02 -8.74
C TYR A 274 4.99 10.32 -8.12
N TYR A 275 4.82 11.33 -8.98
CA TYR A 275 4.18 12.58 -8.60
C TYR A 275 2.76 12.45 -9.18
N GLU A 276 1.82 12.49 -8.26
CA GLU A 276 0.39 12.42 -8.50
C GLU A 276 -0.08 13.83 -8.86
N ILE A 277 -0.67 13.93 -10.04
CA ILE A 277 -1.17 15.21 -10.55
C ILE A 277 -2.66 15.24 -10.24
N ASN A 278 -3.17 16.37 -9.80
CA ASN A 278 -4.60 16.48 -9.51
C ASN A 278 -5.26 16.79 -10.87
N ASN A 279 -5.72 15.72 -11.52
CA ASN A 279 -6.27 15.77 -12.84
C ASN A 279 -7.53 16.63 -12.93
N GLN A 280 -8.29 16.94 -11.90
CA GLN A 280 -9.49 17.76 -12.10
C GLN A 280 -9.29 19.25 -11.88
N LYS A 281 -8.06 19.68 -11.66
CA LYS A 281 -7.88 21.10 -11.36
C LYS A 281 -6.95 21.79 -12.33
N ALA A 282 -7.49 22.88 -12.89
CA ALA A 282 -6.73 23.73 -13.81
C ALA A 282 -5.48 24.26 -13.11
N PRO A 283 -4.37 24.36 -13.81
CA PRO A 283 -4.27 24.02 -15.21
C PRO A 283 -3.90 22.56 -15.45
N PHE A 284 -4.05 21.73 -14.40
CA PHE A 284 -3.61 20.35 -14.54
C PHE A 284 -4.61 19.43 -15.23
N ASN A 285 -5.73 19.95 -15.68
CA ASN A 285 -6.72 19.23 -16.44
C ASN A 285 -6.36 19.34 -17.91
N ASP A 286 -5.24 19.97 -18.22
CA ASP A 286 -4.73 20.15 -19.57
C ASP A 286 -3.69 19.06 -19.82
N VAL A 287 -3.79 18.18 -20.80
CA VAL A 287 -2.79 17.15 -21.03
C VAL A 287 -1.41 17.67 -21.33
N ARG A 288 -1.30 18.86 -21.96
CA ARG A 288 -0.01 19.45 -22.30
C ARG A 288 0.78 19.83 -21.04
N VAL A 289 0.06 20.30 -20.01
CA VAL A 289 0.79 20.62 -18.77
C VAL A 289 1.25 19.33 -18.11
N ARG A 290 0.38 18.32 -17.99
CA ARG A 290 0.83 17.08 -17.32
C ARG A 290 1.94 16.42 -18.10
N THR A 291 1.84 16.39 -19.43
CA THR A 291 2.88 15.76 -20.26
C THR A 291 4.19 16.49 -20.09
N ALA A 292 4.14 17.83 -20.03
CA ALA A 292 5.39 18.59 -19.84
C ALA A 292 6.11 18.23 -18.56
N LEU A 293 5.33 18.26 -17.46
CA LEU A 293 5.92 17.87 -16.16
C LEU A 293 6.51 16.47 -16.18
N LYS A 294 5.82 15.53 -16.79
CA LYS A 294 6.27 14.14 -16.87
C LYS A 294 7.55 14.02 -17.66
N LEU A 295 7.57 14.66 -18.84
CA LEU A 295 8.78 14.58 -19.67
C LEU A 295 9.97 15.34 -19.11
N ALA A 296 9.82 16.52 -18.54
CA ALA A 296 10.98 17.29 -18.06
C ALA A 296 11.63 16.76 -16.82
N LEU A 297 10.94 15.89 -16.06
CA LEU A 297 11.59 15.29 -14.89
C LEU A 297 12.68 14.35 -15.41
N ASP A 298 13.89 14.47 -14.91
CA ASP A 298 14.99 13.62 -15.28
C ASP A 298 15.19 12.48 -14.26
N ARG A 299 14.62 11.33 -14.64
CA ARG A 299 14.67 10.14 -13.79
C ARG A 299 16.08 9.64 -13.53
N ASP A 300 16.93 9.78 -14.56
CA ASP A 300 18.32 9.37 -14.39
C ASP A 300 18.93 10.22 -13.27
N ILE A 301 18.75 11.53 -13.29
CA ILE A 301 19.34 12.34 -12.23
C ILE A 301 18.80 11.90 -10.86
N ILE A 302 17.49 11.87 -10.78
CA ILE A 302 16.85 11.52 -9.51
C ILE A 302 17.18 10.14 -9.03
N VAL A 303 16.97 9.13 -9.88
CA VAL A 303 17.22 7.76 -9.43
C VAL A 303 18.67 7.40 -9.20
N ASN A 304 19.52 7.78 -10.16
CA ASN A 304 20.92 7.43 -10.16
C ASN A 304 21.89 8.36 -9.49
N LYS A 305 21.59 9.64 -9.58
CA LYS A 305 22.45 10.66 -9.00
C LYS A 305 21.92 11.06 -7.64
N VAL A 306 20.69 11.55 -7.48
CA VAL A 306 20.29 12.04 -6.16
C VAL A 306 19.92 10.93 -5.17
N LYS A 307 19.25 9.88 -5.53
CA LYS A 307 18.88 8.79 -4.65
C LYS A 307 19.95 7.71 -4.53
N ASN A 308 20.26 7.07 -5.64
CA ASN A 308 21.28 6.05 -5.75
C ASN A 308 21.20 4.95 -4.68
N GLN A 309 20.07 4.27 -4.62
CA GLN A 309 19.82 3.22 -3.66
C GLN A 309 19.35 1.93 -4.35
N GLY A 310 19.41 1.88 -5.67
CA GLY A 310 19.03 0.69 -6.43
C GLY A 310 17.66 0.76 -7.13
N ASP A 311 16.92 1.85 -7.04
CA ASP A 311 15.65 2.02 -7.69
C ASP A 311 15.79 2.04 -9.22
N LEU A 312 14.70 1.75 -9.94
CA LEU A 312 14.77 1.76 -11.39
C LEU A 312 13.88 2.83 -11.99
N PRO A 313 14.44 3.63 -12.92
CA PRO A 313 13.67 4.67 -13.55
C PRO A 313 12.32 4.10 -13.99
N ALA A 314 11.23 4.84 -13.78
CA ALA A 314 9.90 4.34 -14.13
C ALA A 314 9.22 5.03 -15.30
N TYR A 315 8.53 4.24 -16.12
CA TYR A 315 7.79 4.81 -17.25
C TYR A 315 6.32 4.39 -17.22
N SER A 316 5.91 3.74 -16.11
CA SER A 316 4.53 3.29 -15.99
C SER A 316 4.10 3.32 -14.52
N TYR A 317 2.81 3.08 -14.32
CA TYR A 317 2.29 2.98 -12.94
C TYR A 317 2.50 1.58 -12.41
N THR A 318 1.96 0.56 -13.06
CA THR A 318 2.24 -0.81 -12.64
C THR A 318 3.73 -1.15 -12.84
N PRO A 319 4.39 -1.66 -11.80
CA PRO A 319 5.80 -2.03 -11.90
C PRO A 319 5.90 -3.12 -12.97
N PRO A 320 6.85 -3.12 -13.89
CA PRO A 320 6.97 -4.11 -14.93
C PRO A 320 7.17 -5.55 -14.51
N TYR A 321 7.62 -5.75 -13.29
CA TYR A 321 7.87 -7.07 -12.74
C TYR A 321 6.68 -7.58 -11.93
N THR A 322 5.56 -6.89 -11.95
CA THR A 322 4.35 -7.46 -11.27
C THR A 322 4.00 -8.74 -12.04
N ASP A 323 3.48 -9.75 -11.35
CA ASP A 323 3.06 -10.98 -12.00
C ASP A 323 1.97 -10.73 -13.03
N GLY A 324 2.18 -11.00 -14.30
CA GLY A 324 1.17 -10.75 -15.32
C GLY A 324 1.40 -9.45 -16.10
N ALA A 325 2.41 -8.66 -15.69
CA ALA A 325 2.73 -7.43 -16.36
C ALA A 325 3.66 -7.64 -17.56
N LYS A 326 3.20 -7.20 -18.74
CA LYS A 326 3.98 -7.35 -19.96
C LYS A 326 3.89 -6.01 -20.68
N LEU A 327 4.54 -5.02 -20.08
CA LEU A 327 4.36 -3.63 -20.48
C LEU A 327 5.19 -3.17 -21.65
N VAL A 328 4.67 -2.23 -22.40
CA VAL A 328 5.38 -1.64 -23.54
C VAL A 328 5.96 -0.29 -23.10
N GLU A 329 7.25 -0.09 -23.20
CA GLU A 329 7.94 1.14 -22.88
C GLU A 329 7.61 2.24 -23.89
N PRO A 330 7.10 3.36 -23.45
CA PRO A 330 6.77 4.44 -24.39
C PRO A 330 8.05 4.93 -25.03
N GLU A 331 7.94 5.48 -26.25
CA GLU A 331 9.12 5.97 -26.98
C GLU A 331 9.81 7.11 -26.27
N TRP A 332 9.07 8.00 -25.61
CA TRP A 332 9.66 9.07 -24.81
C TRP A 332 10.66 8.59 -23.77
N PHE A 333 10.57 7.36 -23.25
CA PHE A 333 11.51 6.89 -22.24
C PHE A 333 12.88 6.59 -22.83
N LYS A 334 12.95 6.32 -24.14
CA LYS A 334 14.22 6.04 -24.79
C LYS A 334 14.77 7.33 -25.42
N TRP A 335 13.98 8.40 -25.45
CA TRP A 335 14.48 9.65 -25.98
C TRP A 335 15.57 10.17 -25.02
N SER A 336 16.23 11.18 -25.55
CA SER A 336 17.23 11.94 -24.82
C SER A 336 16.60 12.77 -23.71
N GLN A 337 17.25 13.21 -22.64
CA GLN A 337 16.55 14.11 -21.71
C GLN A 337 16.33 15.46 -22.38
N GLN A 338 17.33 15.85 -23.20
CA GLN A 338 17.26 17.07 -24.00
C GLN A 338 16.03 17.08 -24.88
N LYS A 339 15.82 15.96 -25.58
CA LYS A 339 14.62 15.83 -26.43
C LYS A 339 13.38 15.83 -25.56
N ARG A 340 13.43 15.24 -24.37
CA ARG A 340 12.25 15.35 -23.49
C ARG A 340 11.99 16.81 -23.13
N ASN A 341 13.03 17.53 -22.73
CA ASN A 341 12.92 18.92 -22.33
C ASN A 341 12.34 19.81 -23.42
N GLU A 342 12.82 19.72 -24.66
CA GLU A 342 12.27 20.56 -25.75
C GLU A 342 10.79 20.24 -25.88
N GLU A 343 10.41 18.95 -26.01
CA GLU A 343 8.99 18.66 -26.15
C GLU A 343 8.16 19.33 -25.02
N ALA A 344 8.67 19.19 -23.80
CA ALA A 344 8.02 19.74 -22.63
C ALA A 344 7.84 21.25 -22.69
N LYS A 345 8.95 21.92 -22.99
CA LYS A 345 8.92 23.39 -23.10
C LYS A 345 7.95 23.83 -24.19
N LYS A 346 7.97 23.09 -25.27
CA LYS A 346 7.10 23.32 -26.42
C LYS A 346 5.64 23.21 -26.01
N LEU A 347 5.30 22.13 -25.28
CA LEU A 347 3.93 21.93 -24.82
C LEU A 347 3.46 23.02 -23.86
N LEU A 348 4.32 23.43 -22.93
CA LEU A 348 3.95 24.48 -21.99
C LEU A 348 3.82 25.82 -22.72
N ALA A 349 4.68 26.05 -23.72
CA ALA A 349 4.56 27.31 -24.47
C ALA A 349 3.23 27.24 -25.22
N GLU A 350 2.87 26.06 -25.75
CA GLU A 350 1.59 25.84 -26.39
C GLU A 350 0.44 26.01 -25.42
N ALA A 351 0.59 25.59 -24.16
CA ALA A 351 -0.49 25.78 -23.19
C ALA A 351 -0.65 27.24 -22.77
N GLY A 352 0.18 28.16 -23.20
CA GLY A 352 0.06 29.57 -22.92
C GLY A 352 0.98 30.10 -21.82
N PHE A 353 1.98 29.33 -21.45
CA PHE A 353 2.90 29.76 -20.42
C PHE A 353 4.13 30.44 -21.01
N THR A 354 4.59 31.51 -20.38
CA THR A 354 5.74 32.22 -20.96
C THR A 354 7.00 32.14 -20.12
N ALA A 355 7.54 33.30 -19.84
CA ALA A 355 8.68 33.59 -18.99
C ALA A 355 8.10 34.65 -18.03
N ASP A 356 7.22 35.46 -18.60
CA ASP A 356 6.51 36.54 -17.96
C ASP A 356 5.35 36.03 -17.10
N LYS A 357 4.72 34.93 -17.54
CA LYS A 357 3.60 34.30 -16.83
C LYS A 357 3.88 32.78 -16.81
N PRO A 358 4.80 32.40 -15.92
CA PRO A 358 5.28 31.04 -15.83
C PRO A 358 4.29 30.13 -15.12
N LEU A 359 4.54 28.84 -15.14
CA LEU A 359 3.61 27.93 -14.43
C LEU A 359 4.16 27.78 -13.02
N THR A 360 3.32 28.10 -12.03
CA THR A 360 3.71 28.03 -10.62
C THR A 360 2.62 27.27 -9.87
N PHE A 361 3.03 26.31 -9.01
CA PHE A 361 2.06 25.51 -8.28
C PHE A 361 2.68 24.82 -7.07
N ASP A 362 1.90 24.16 -6.22
CA ASP A 362 2.44 23.45 -5.06
C ASP A 362 2.89 22.01 -5.26
N LEU A 363 3.94 21.62 -4.53
CA LEU A 363 4.43 20.24 -4.53
C LEU A 363 4.27 19.76 -3.08
N LEU A 364 3.25 18.97 -2.84
CA LEU A 364 2.84 18.50 -1.54
C LEU A 364 3.47 17.15 -1.21
N TYR A 365 4.11 17.00 -0.07
CA TYR A 365 4.76 15.74 0.24
C TYR A 365 4.53 15.42 1.72
N ASN A 366 4.61 14.16 2.12
CA ASN A 366 4.49 13.82 3.52
C ASN A 366 5.83 13.97 4.21
N THR A 367 5.81 14.67 5.36
CA THR A 367 6.99 14.95 6.17
C THR A 367 7.94 13.78 6.16
N SER A 368 9.17 13.99 5.69
CA SER A 368 10.16 12.94 5.51
C SER A 368 11.44 13.57 4.94
N ASP A 369 12.58 13.16 5.39
CA ASP A 369 13.84 13.65 4.87
C ASP A 369 14.01 13.20 3.40
N LEU A 370 13.82 11.90 3.17
CA LEU A 370 13.81 11.42 1.80
C LEU A 370 12.84 12.15 0.88
N HIS A 371 11.55 12.31 1.17
CA HIS A 371 10.67 12.98 0.20
C HIS A 371 11.09 14.44 0.06
N LYS A 372 11.46 15.13 1.15
CA LYS A 372 11.90 16.53 1.04
C LYS A 372 13.12 16.62 0.09
N LYS A 373 14.14 15.77 0.30
CA LYS A 373 15.29 15.81 -0.60
C LYS A 373 14.91 15.55 -2.05
N LEU A 374 14.06 14.55 -2.28
CA LEU A 374 13.55 14.29 -3.62
C LEU A 374 12.71 15.44 -4.15
N ALA A 375 11.85 16.10 -3.38
CA ALA A 375 11.05 17.22 -3.95
C ALA A 375 11.91 18.44 -4.29
N ILE A 376 12.93 18.65 -3.48
CA ILE A 376 13.87 19.76 -3.75
C ILE A 376 14.58 19.52 -5.08
N ALA A 377 15.05 18.31 -5.33
CA ALA A 377 15.72 18.00 -6.58
C ALA A 377 14.78 18.10 -7.77
N VAL A 378 13.54 17.69 -7.55
CA VAL A 378 12.56 17.71 -8.63
C VAL A 378 12.20 19.17 -8.92
N ALA A 379 12.07 19.99 -7.89
CA ALA A 379 11.80 21.41 -8.06
C ALA A 379 12.89 22.11 -8.85
N SER A 380 14.15 21.86 -8.55
CA SER A 380 15.29 22.41 -9.31
C SER A 380 15.39 21.88 -10.72
N ILE A 381 15.10 20.58 -10.90
CA ILE A 381 15.10 19.99 -12.24
C ILE A 381 14.01 20.62 -13.10
N TRP A 382 12.81 20.73 -12.56
CA TRP A 382 11.69 21.30 -13.26
C TRP A 382 11.97 22.77 -13.59
N LYS A 383 12.54 23.50 -12.64
CA LYS A 383 12.92 24.89 -12.83
C LYS A 383 13.95 25.03 -13.96
N LYS A 384 15.02 24.29 -13.93
CA LYS A 384 16.05 24.40 -14.96
C LYS A 384 15.66 23.80 -16.30
N ASN A 385 14.94 22.69 -16.37
CA ASN A 385 14.57 22.04 -17.58
C ASN A 385 13.32 22.62 -18.25
N LEU A 386 12.43 23.16 -17.42
CA LEU A 386 11.17 23.65 -17.98
C LEU A 386 10.75 25.04 -17.56
N GLY A 387 11.50 25.74 -16.70
CA GLY A 387 11.05 27.08 -16.29
C GLY A 387 9.84 27.09 -15.38
N VAL A 388 9.51 25.99 -14.69
CA VAL A 388 8.35 26.01 -13.78
C VAL A 388 8.85 26.25 -12.35
N ASN A 389 8.07 26.93 -11.57
CA ASN A 389 8.32 27.23 -10.17
C ASN A 389 7.41 26.40 -9.26
N VAL A 390 8.03 25.72 -8.28
CA VAL A 390 7.14 24.97 -7.38
C VAL A 390 7.30 25.44 -5.94
N ASN A 391 6.24 25.38 -5.15
CA ASN A 391 6.22 25.70 -3.74
C ASN A 391 6.03 24.38 -2.96
N LEU A 392 7.12 24.00 -2.29
CA LEU A 392 7.10 22.79 -1.52
C LEU A 392 6.23 22.93 -0.28
N GLU A 393 5.48 21.89 0.03
CA GLU A 393 4.69 21.90 1.26
C GLU A 393 4.66 20.48 1.85
N ASN A 394 4.98 20.39 3.15
CA ASN A 394 4.98 19.10 3.83
C ASN A 394 3.73 19.04 4.72
N GLN A 395 3.17 17.86 4.91
CA GLN A 395 2.05 17.62 5.78
C GLN A 395 2.28 16.25 6.47
N GLU A 396 1.91 16.14 7.72
CA GLU A 396 2.03 14.84 8.40
C GLU A 396 1.26 13.78 7.58
N TRP A 397 1.67 12.53 7.60
CA TRP A 397 1.07 11.44 6.87
C TRP A 397 -0.44 11.41 6.82
N LYS A 398 -1.15 11.25 7.93
CA LYS A 398 -2.61 11.19 7.93
C LYS A 398 -3.26 12.39 7.25
N THR A 399 -2.76 13.58 7.55
CA THR A 399 -3.29 14.81 6.93
C THR A 399 -3.04 14.83 5.43
N PHE A 400 -1.85 14.42 5.02
CA PHE A 400 -1.44 14.30 3.61
C PHE A 400 -2.38 13.42 2.77
N LEU A 401 -2.74 12.26 3.34
CA LEU A 401 -3.63 11.37 2.60
C LEU A 401 -5.02 12.00 2.47
N ASP A 402 -5.50 12.61 3.55
CA ASP A 402 -6.78 13.31 3.50
C ASP A 402 -6.78 14.46 2.46
N THR A 403 -5.71 15.26 2.43
CA THR A 403 -5.59 16.31 1.42
C THR A 403 -5.73 15.75 -0.01
N ARG A 404 -5.06 14.64 -0.30
CA ARG A 404 -5.14 14.02 -1.63
C ARG A 404 -6.56 13.52 -1.87
N HIS A 405 -7.21 12.87 -0.91
CA HIS A 405 -8.61 12.47 -1.13
C HIS A 405 -9.49 13.68 -1.39
N GLN A 406 -9.30 14.76 -0.62
CA GLN A 406 -10.13 15.95 -0.84
C GLN A 406 -9.89 16.65 -2.17
N GLY A 407 -8.70 16.46 -2.75
CA GLY A 407 -8.42 17.16 -3.99
C GLY A 407 -8.03 18.59 -3.60
N THR A 408 -7.50 18.88 -2.38
CA THR A 408 -7.14 20.30 -2.15
C THR A 408 -5.65 20.46 -2.43
N PHE A 409 -5.33 20.14 -3.73
CA PHE A 409 -3.93 20.14 -4.12
C PHE A 409 -3.65 20.30 -5.60
N ASP A 410 -2.37 20.50 -5.89
CA ASP A 410 -1.90 20.63 -7.29
C ASP A 410 -1.16 19.34 -7.69
N VAL A 411 0.08 19.20 -7.22
CA VAL A 411 0.87 17.99 -7.42
C VAL A 411 1.24 17.41 -6.07
N ALA A 412 1.32 16.09 -5.91
CA ALA A 412 1.73 15.51 -4.66
C ALA A 412 2.69 14.35 -4.94
N ARG A 413 3.61 14.23 -4.00
CA ARG A 413 4.55 13.11 -3.98
C ARG A 413 3.65 11.89 -3.73
N ALA A 414 3.97 10.73 -4.28
CA ALA A 414 3.09 9.59 -4.09
C ALA A 414 3.82 8.28 -4.28
N GLY A 415 3.20 7.23 -3.75
CA GLY A 415 3.78 5.90 -3.88
C GLY A 415 2.66 4.87 -3.67
N TRP A 416 2.51 3.97 -4.60
CA TRP A 416 1.48 2.90 -4.41
C TRP A 416 2.22 1.55 -4.34
N CYS A 417 1.96 0.69 -3.38
CA CYS A 417 2.48 -0.64 -3.20
C CYS A 417 1.33 -1.64 -3.42
N ALA A 418 1.58 -2.68 -4.16
CA ALA A 418 0.58 -3.67 -4.47
C ALA A 418 -0.01 -4.30 -3.18
N ASP A 419 -1.30 -4.62 -3.29
CA ASP A 419 -2.03 -5.31 -2.25
C ASP A 419 -2.12 -6.81 -2.60
N TYR A 420 -2.01 -7.13 -3.86
CA TYR A 420 -1.97 -8.51 -4.36
C TYR A 420 -1.11 -8.47 -5.63
N ASN A 421 -0.34 -9.47 -5.96
CA ASN A 421 0.59 -9.41 -7.09
C ASN A 421 -0.07 -9.76 -8.41
N GLU A 422 -0.67 -8.75 -9.02
CA GLU A 422 -1.44 -8.84 -10.27
C GLU A 422 -1.66 -7.39 -10.69
N PRO A 423 -1.52 -7.06 -11.98
CA PRO A 423 -1.58 -5.70 -12.46
C PRO A 423 -2.79 -4.87 -12.05
N THR A 424 -3.94 -5.48 -11.84
CA THR A 424 -5.12 -4.71 -11.40
C THR A 424 -4.99 -4.16 -9.99
N SER A 425 -4.13 -4.67 -9.15
CA SER A 425 -3.93 -4.08 -7.80
C SER A 425 -3.44 -2.64 -7.94
N PHE A 426 -2.70 -2.39 -9.04
CA PHE A 426 -2.42 -0.99 -9.40
C PHE A 426 -3.54 -0.37 -10.23
N LEU A 427 -3.81 -0.97 -11.40
CA LEU A 427 -4.73 -0.35 -12.39
C LEU A 427 -6.13 -0.01 -11.91
N ASN A 428 -6.74 -0.82 -11.04
CA ASN A 428 -8.07 -0.56 -10.51
C ASN A 428 -8.13 0.75 -9.72
N THR A 429 -6.98 1.23 -9.21
CA THR A 429 -6.94 2.50 -8.50
C THR A 429 -7.11 3.68 -9.46
N MET A 430 -6.92 3.54 -10.77
CA MET A 430 -7.18 4.68 -11.64
C MET A 430 -8.55 4.65 -12.31
N LEU A 431 -9.41 3.73 -11.93
CA LEU A 431 -10.79 3.65 -12.41
C LEU A 431 -11.49 4.94 -11.98
N SER A 432 -12.35 5.53 -12.78
CA SER A 432 -13.06 6.76 -12.45
C SER A 432 -13.69 6.77 -11.08
N ASP A 433 -14.41 5.73 -10.70
CA ASP A 433 -15.09 5.65 -9.42
C ASP A 433 -14.27 4.96 -8.33
N SER A 434 -13.00 4.66 -8.50
CA SER A 434 -12.26 3.99 -7.42
C SER A 434 -12.16 4.82 -6.19
N SER A 435 -12.39 4.25 -5.00
CA SER A 435 -12.16 5.03 -3.78
C SER A 435 -10.67 5.27 -3.58
N ASN A 436 -9.76 4.57 -4.27
CA ASN A 436 -8.32 4.85 -4.12
C ASN A 436 -7.82 5.85 -5.17
N ASN A 437 -8.73 6.42 -5.96
CA ASN A 437 -8.35 7.36 -7.02
C ASN A 437 -8.14 8.79 -6.49
N THR A 438 -6.92 9.05 -6.02
CA THR A 438 -6.48 10.35 -5.54
C THR A 438 -5.85 11.15 -6.66
N ALA A 439 -5.67 10.55 -7.88
CA ALA A 439 -5.18 11.36 -8.99
C ALA A 439 -6.39 12.12 -9.56
N HIS A 440 -7.57 11.68 -9.17
CA HIS A 440 -8.86 12.18 -9.57
C HIS A 440 -8.98 12.15 -11.10
N TYR A 441 -8.49 11.04 -11.63
CA TYR A 441 -8.43 10.72 -13.04
C TYR A 441 -9.68 9.97 -13.45
N LYS A 442 -10.27 10.41 -14.55
CA LYS A 442 -11.52 9.81 -15.02
C LYS A 442 -11.44 9.59 -16.53
N SER A 443 -11.23 8.36 -16.93
CA SER A 443 -11.16 8.06 -18.36
C SER A 443 -12.06 6.92 -18.74
N PRO A 444 -13.08 7.18 -19.56
CA PRO A 444 -13.97 6.12 -20.03
C PRO A 444 -13.18 5.06 -20.78
N ALA A 445 -12.20 5.48 -21.55
CA ALA A 445 -11.39 4.52 -22.32
C ALA A 445 -10.56 3.63 -21.38
N PHE A 446 -9.96 4.27 -20.37
CA PHE A 446 -9.20 3.50 -19.37
C PHE A 446 -10.15 2.59 -18.65
N ASP A 447 -11.33 3.03 -18.18
CA ASP A 447 -12.23 2.12 -17.50
C ASP A 447 -12.63 0.91 -18.35
N LYS A 448 -12.91 1.15 -19.64
CA LYS A 448 -13.34 0.09 -20.53
C LYS A 448 -12.27 -0.97 -20.73
N LEU A 449 -11.02 -0.54 -20.86
CA LEU A 449 -9.94 -1.53 -20.98
C LEU A 449 -9.89 -2.44 -19.77
N ILE A 450 -9.97 -1.89 -18.55
CA ILE A 450 -9.92 -2.79 -17.38
C ILE A 450 -11.16 -3.68 -17.23
N ALA A 451 -12.35 -3.20 -17.53
CA ALA A 451 -13.61 -3.96 -17.45
C ALA A 451 -13.53 -5.16 -18.39
N ASP A 452 -12.89 -4.96 -19.54
CA ASP A 452 -12.63 -5.99 -20.52
C ASP A 452 -11.76 -7.12 -20.02
N THR A 453 -10.83 -6.90 -19.09
CA THR A 453 -9.97 -7.93 -18.59
C THR A 453 -10.66 -9.13 -17.99
N LEU A 454 -11.88 -9.02 -17.43
CA LEU A 454 -12.52 -10.20 -16.86
C LEU A 454 -13.59 -10.75 -17.81
N LYS A 455 -13.73 -10.12 -18.97
CA LYS A 455 -14.69 -10.59 -19.97
C LYS A 455 -14.06 -11.68 -20.81
N VAL A 456 -12.74 -11.62 -20.99
CA VAL A 456 -11.96 -12.64 -21.67
C VAL A 456 -11.61 -13.66 -20.58
N ALA A 457 -11.30 -14.89 -20.93
CA ALA A 457 -10.94 -15.94 -19.99
C ALA A 457 -9.56 -16.46 -20.42
N ASP A 458 -8.74 -15.47 -20.76
CA ASP A 458 -7.39 -15.75 -21.29
C ASP A 458 -6.39 -14.82 -20.64
N ASP A 459 -5.25 -15.36 -20.20
CA ASP A 459 -4.24 -14.52 -19.56
C ASP A 459 -3.43 -13.70 -20.53
N THR A 460 -3.25 -14.18 -21.75
CA THR A 460 -2.50 -13.37 -22.73
C THR A 460 -3.31 -12.15 -23.14
N GLN A 461 -4.60 -12.37 -23.40
CA GLN A 461 -5.43 -11.21 -23.78
C GLN A 461 -5.43 -10.23 -22.60
N ARG A 462 -5.48 -10.78 -21.37
CA ARG A 462 -5.52 -9.98 -20.19
C ARG A 462 -4.28 -9.11 -20.05
N SER A 463 -3.08 -9.65 -20.16
CA SER A 463 -1.84 -8.88 -20.12
C SER A 463 -1.78 -7.85 -21.23
N GLU A 464 -2.27 -8.20 -22.43
CA GLU A 464 -2.27 -7.20 -23.52
C GLU A 464 -3.16 -6.02 -23.15
N LEU A 465 -4.29 -6.27 -22.50
CA LEU A 465 -5.19 -5.23 -22.02
C LEU A 465 -4.57 -4.39 -20.90
N TYR A 466 -3.84 -5.01 -19.97
CA TYR A 466 -3.20 -4.21 -18.92
C TYR A 466 -2.16 -3.29 -19.62
N ALA A 467 -1.42 -3.83 -20.59
CA ALA A 467 -0.47 -3.06 -21.37
C ALA A 467 -1.12 -1.84 -22.00
N LYS A 468 -2.25 -2.03 -22.67
CA LYS A 468 -2.94 -0.90 -23.32
C LYS A 468 -3.52 0.06 -22.29
N ALA A 469 -4.00 -0.46 -21.15
CA ALA A 469 -4.49 0.42 -20.08
C ALA A 469 -3.33 1.30 -19.64
N GLU A 470 -2.11 0.71 -19.49
CA GLU A 470 -0.96 1.55 -19.13
C GLU A 470 -0.66 2.55 -20.24
N GLN A 471 -0.81 2.18 -21.52
CA GLN A 471 -0.63 3.15 -22.60
C GLN A 471 -1.68 4.24 -22.53
N GLN A 472 -2.94 3.96 -22.16
CA GLN A 472 -3.95 5.02 -22.03
C GLN A 472 -3.56 5.99 -20.90
N LEU A 473 -3.12 5.44 -19.78
CA LEU A 473 -2.65 6.28 -18.67
C LEU A 473 -1.53 7.22 -19.09
N ASP A 474 -0.47 6.68 -19.71
CA ASP A 474 0.65 7.44 -20.19
C ASP A 474 0.26 8.48 -21.23
N LYS A 475 -0.59 8.07 -22.17
CA LYS A 475 -1.08 8.96 -23.21
C LYS A 475 -1.69 10.20 -22.54
N ASP A 476 -2.53 9.95 -21.52
CA ASP A 476 -3.15 11.07 -20.80
C ASP A 476 -2.24 11.74 -19.79
N SER A 477 -1.11 11.14 -19.48
CA SER A 477 -0.17 11.68 -18.51
C SER A 477 -0.91 11.97 -17.23
N ALA A 478 -1.59 10.95 -16.72
CA ALA A 478 -2.35 11.02 -15.50
C ALA A 478 -1.34 11.26 -14.37
N ILE A 479 -0.15 10.65 -14.42
CA ILE A 479 0.81 10.84 -13.33
C ILE A 479 2.17 11.10 -13.94
N VAL A 480 3.15 11.27 -13.07
CA VAL A 480 4.54 11.38 -13.44
C VAL A 480 5.25 10.23 -12.73
N PRO A 481 5.47 9.12 -13.43
CA PRO A 481 6.23 8.02 -12.89
C PRO A 481 7.66 8.47 -12.70
N VAL A 482 8.22 8.09 -11.54
CA VAL A 482 9.58 8.47 -11.19
C VAL A 482 10.46 7.22 -11.06
N TYR A 483 10.21 6.29 -10.13
CA TYR A 483 11.03 5.10 -10.06
C TYR A 483 10.28 3.92 -9.45
N TYR A 484 10.77 2.74 -9.70
CA TYR A 484 10.15 1.53 -9.12
C TYR A 484 10.95 1.30 -7.86
N TYR A 485 10.33 1.15 -6.72
CA TYR A 485 11.13 1.00 -5.51
C TYR A 485 11.86 -0.35 -5.42
N VAL A 486 12.88 -0.33 -4.58
CA VAL A 486 13.52 -1.49 -4.02
C VAL A 486 13.07 -1.38 -2.53
N ASN A 487 13.04 -2.46 -1.84
CA ASN A 487 12.71 -2.46 -0.42
C ASN A 487 14.02 -2.44 0.40
N ALA A 488 14.50 -1.26 0.80
CA ALA A 488 15.72 -1.06 1.54
C ALA A 488 15.45 -0.68 3.00
N ARG A 489 15.93 -1.45 3.95
CA ARG A 489 15.75 -1.14 5.36
C ARG A 489 16.92 -1.73 6.13
N LEU A 490 17.09 -1.35 7.40
CA LEU A 490 18.11 -1.97 8.22
C LEU A 490 17.43 -2.96 9.18
N VAL A 491 18.01 -4.13 9.41
CA VAL A 491 17.46 -5.16 10.30
C VAL A 491 18.57 -5.73 11.16
N LYS A 492 18.44 -5.83 12.48
CA LYS A 492 19.62 -6.23 13.28
C LYS A 492 19.91 -7.68 13.00
N PRO A 493 21.17 -8.07 13.26
CA PRO A 493 21.60 -9.42 13.02
C PRO A 493 20.84 -10.43 13.89
N TRP A 494 20.36 -10.02 15.06
CA TRP A 494 19.62 -10.96 15.90
C TRP A 494 18.14 -11.06 15.56
N VAL A 495 17.64 -10.36 14.55
CA VAL A 495 16.24 -10.50 14.16
C VAL A 495 16.09 -11.64 13.15
N GLY A 496 15.53 -12.78 13.53
CA GLY A 496 15.41 -13.89 12.59
C GLY A 496 13.99 -13.93 12.00
N GLY A 497 13.91 -14.61 10.85
CA GLY A 497 12.59 -14.80 10.23
C GLY A 497 12.25 -13.84 9.09
N TYR A 498 13.05 -12.81 8.85
CA TYR A 498 12.72 -11.89 7.76
C TYR A 498 13.54 -12.27 6.52
N THR A 499 12.92 -12.87 5.51
CA THR A 499 13.60 -13.32 4.30
C THR A 499 13.86 -12.20 3.32
N GLY A 500 12.98 -11.21 3.20
CA GLY A 500 13.05 -10.18 2.17
C GLY A 500 12.51 -10.77 0.85
N LYS A 501 11.99 -12.00 0.86
CA LYS A 501 11.48 -12.64 -0.34
C LYS A 501 10.10 -12.18 -0.77
N ASP A 502 9.35 -11.56 0.13
CA ASP A 502 8.01 -11.13 -0.28
C ASP A 502 8.09 -9.77 -0.94
N PRO A 503 7.73 -9.68 -2.23
CA PRO A 503 7.74 -8.44 -2.96
C PRO A 503 6.64 -7.48 -2.50
N LEU A 504 5.70 -7.94 -1.69
CA LEU A 504 4.67 -7.12 -1.11
C LEU A 504 5.09 -6.66 0.30
N ASP A 505 6.12 -7.31 0.86
CA ASP A 505 6.58 -7.04 2.21
C ASP A 505 5.43 -7.12 3.22
N ASN A 506 4.68 -8.19 3.20
CA ASN A 506 3.58 -8.36 4.15
C ASN A 506 4.17 -9.06 5.39
N ILE A 507 4.90 -8.39 6.23
CA ILE A 507 5.53 -9.02 7.40
C ILE A 507 4.53 -9.19 8.52
N TYR A 508 4.68 -10.29 9.24
CA TYR A 508 3.88 -10.58 10.41
C TYR A 508 4.89 -10.72 11.55
N VAL A 509 4.74 -10.01 12.67
CA VAL A 509 5.71 -10.20 13.77
C VAL A 509 5.61 -11.59 14.38
N LYS A 510 4.47 -12.29 14.24
CA LYS A 510 4.36 -13.68 14.69
C LYS A 510 5.38 -14.58 13.97
N ASN A 511 5.95 -14.19 12.84
CA ASN A 511 6.93 -14.99 12.16
C ASN A 511 8.36 -14.63 12.58
N LEU A 512 8.61 -13.64 13.40
CA LEU A 512 10.00 -13.25 13.71
C LEU A 512 10.50 -13.85 15.01
N TYR A 513 11.79 -13.75 15.30
CA TYR A 513 12.28 -14.26 16.59
C TYR A 513 13.60 -13.56 16.91
N ILE A 514 13.90 -13.40 18.19
CA ILE A 514 15.17 -12.76 18.55
C ILE A 514 16.21 -13.83 18.92
N ILE A 515 17.31 -13.77 18.17
CA ILE A 515 18.43 -14.68 18.39
C ILE A 515 19.22 -14.18 19.59
N LYS A 516 19.71 -15.11 20.41
CA LYS A 516 20.45 -14.66 21.58
C LYS A 516 21.67 -13.80 21.20
N HIS A 517 21.88 -12.69 21.85
CA HIS A 517 23.04 -11.85 21.59
C HIS A 517 23.36 -11.03 22.84
N LYS B 1 -1.77 -0.25 -1.57
CA LYS B 1 -1.74 0.55 -0.29
C LYS B 1 -0.76 1.72 -0.44
N CYS B 2 -1.06 2.85 0.15
CA CYS B 2 -0.26 4.06 0.06
C CYS B 2 1.09 3.96 0.76
N LYS B 3 2.14 4.42 0.07
CA LYS B 3 3.47 4.40 0.66
C LYS B 3 4.10 5.82 0.59
#